data_3BZ3
#
_entry.id   3BZ3
#
_cell.length_a   45.460
_cell.length_b   47.825
_cell.length_c   63.067
_cell.angle_alpha   90.000
_cell.angle_beta   98.430
_cell.angle_gamma   90.000
#
_symmetry.space_group_name_H-M   'P 1 21 1'
#
loop_
_entity.id
_entity.type
_entity.pdbx_description
1 polymer 'Focal adhesion kinase 1'
2 non-polymer N-methyl-N-{3-[({2-[(2-oxo-2,3-dihydro-1H-indol-5-yl)amino]-5-(trifluoromethyl)pyrimidin-4-yl}amino)methyl]pyridin-2-yl}methanesulfonamide
3 water water
#
_entity_poly.entity_id   1
_entity_poly.type   'polypeptide(L)'
_entity_poly.pdbx_seq_one_letter_code
;DYEIQRERIELGRCIGEGQFGDVHQGIYMSPENPALAVAIKTCKNCTSDSVREKFLQEALTMRQFDHPHIVKLIGVITEN
PVWIIMELCTLGELRSFLQVRKYSLDLASLILYAYQLSTALAYLESKRFVHRDIAARNVLVSSNDCVKLGDFGLSRYMED
STYYKASKGKLPIKWMAPESINFRRFTSASDVWMFGVCMWEILMHGVKPFQGVKNNDVIGRIENGERLPMPPNCPPTLYS
LMTKCWAYDPSRRPRFTELKAQLSTILEEEKAQQEE
;
_entity_poly.pdbx_strand_id   A
#
loop_
_chem_comp.id
_chem_comp.type
_chem_comp.name
_chem_comp.formula
YAM non-polymer N-methyl-N-{3-[({2-[(2-oxo-2,3-dihydro-1H-indol-5-yl)amino]-5-(trifluoromethyl)pyrimidin-4-yl}amino)methyl]pyridin-2-yl}methanesulfonamide 'C21 H20 F3 N7 O3 S'
#
# COMPACT_ATOMS: atom_id res chain seq x y z
N ASP A 1 -19.73 -2.00 -19.07
CA ASP A 1 -18.92 -0.95 -19.76
C ASP A 1 -18.29 0.01 -18.75
N TYR A 2 -16.97 0.18 -18.86
CA TYR A 2 -16.21 1.02 -17.94
C TYR A 2 -15.93 2.39 -18.53
N GLU A 3 -16.39 2.64 -19.75
CA GLU A 3 -16.16 3.93 -20.40
C GLU A 3 -17.07 4.99 -19.79
N ILE A 4 -16.47 6.10 -19.37
CA ILE A 4 -17.19 7.14 -18.67
C ILE A 4 -17.27 8.41 -19.52
N GLN A 5 -18.44 9.02 -19.56
CA GLN A 5 -18.63 10.27 -20.28
C GLN A 5 -17.94 11.41 -19.51
N ARG A 6 -17.06 12.15 -20.17
CA ARG A 6 -16.20 13.11 -19.46
C ARG A 6 -17.00 14.20 -18.73
N GLU A 7 -18.18 14.52 -19.29
CA GLU A 7 -19.01 15.60 -18.76
C GLU A 7 -19.51 15.27 -17.36
N ARG A 8 -19.41 14.00 -16.98
CA ARG A 8 -19.84 13.56 -15.66
C ARG A 8 -18.73 13.70 -14.63
N ILE A 9 -17.54 14.06 -15.09
CA ILE A 9 -16.42 14.30 -14.18
C ILE A 9 -16.18 15.79 -14.04
N GLU A 10 -16.22 16.29 -12.81
CA GLU A 10 -15.61 17.57 -12.50
C GLU A 10 -14.27 17.37 -11.80
N LEU A 11 -13.21 17.86 -12.44
CA LEU A 11 -11.85 17.70 -11.97
C LEU A 11 -11.59 18.66 -10.81
N GLY A 12 -11.00 18.15 -9.73
CA GLY A 12 -10.66 18.99 -8.58
C GLY A 12 -9.16 19.21 -8.48
N ARG A 13 -8.67 19.45 -7.28
CA ARG A 13 -7.27 19.83 -7.11
C ARG A 13 -6.34 18.63 -7.34
N CYS A 14 -5.07 18.92 -7.57
CA CYS A 14 -4.05 17.89 -7.74
C CYS A 14 -3.68 17.28 -6.38
N ILE A 15 -3.64 15.95 -6.34
CA ILE A 15 -3.32 15.23 -5.12
C ILE A 15 -2.06 14.36 -5.28
N GLY A 16 -1.30 14.58 -6.34
CA GLY A 16 -0.02 13.91 -6.51
C GLY A 16 0.38 13.74 -7.96
N GLU A 17 1.58 13.23 -8.18
CA GLU A 17 2.14 13.11 -9.51
C GLU A 17 2.43 11.66 -9.85
N GLY A 18 1.80 11.19 -10.93
CA GLY A 18 1.99 9.83 -11.37
C GLY A 18 3.11 9.72 -12.36
N GLN A 19 3.44 8.49 -12.72
CA GLN A 19 4.46 8.24 -13.72
C GLN A 19 4.07 8.85 -15.07
N PHE A 20 2.77 8.98 -15.31
CA PHE A 20 2.26 9.43 -16.62
C PHE A 20 1.73 10.86 -16.55
N GLY A 21 1.51 11.38 -15.35
CA GLY A 21 0.95 12.71 -15.19
C GLY A 21 0.28 12.92 -13.84
N ASP A 22 -0.29 14.10 -13.66
CA ASP A 22 -0.87 14.51 -12.40
C ASP A 22 -2.07 13.64 -12.05
N VAL A 23 -2.24 13.41 -10.76
CA VAL A 23 -3.44 12.80 -10.24
C VAL A 23 -4.23 13.88 -9.51
N HIS A 24 -5.53 13.90 -9.78
CA HIS A 24 -6.45 14.86 -9.18
C HIS A 24 -7.48 14.10 -8.37
N GLN A 25 -8.04 14.77 -7.39
CA GLN A 25 -9.33 14.37 -6.84
C GLN A 25 -10.44 15.12 -7.56
N GLY A 26 -11.64 14.58 -7.54
CA GLY A 26 -12.78 15.19 -8.23
C GLY A 26 -14.08 14.48 -7.92
N ILE A 27 -15.11 14.81 -8.70
CA ILE A 27 -16.45 14.28 -8.43
C ILE A 27 -17.03 13.64 -9.67
N TYR A 28 -17.65 12.49 -9.50
CA TYR A 28 -18.25 11.75 -10.59
C TYR A 28 -19.77 11.70 -10.44
N MET A 29 -20.46 12.28 -11.42
CA MET A 29 -21.94 12.30 -11.47
C MET A 29 -22.42 11.13 -12.30
N SER A 30 -22.86 10.06 -11.65
CA SER A 30 -23.38 8.90 -12.39
C SER A 30 -24.91 8.90 -12.43
N PRO A 31 -25.47 8.30 -13.49
CA PRO A 31 -26.92 8.28 -13.76
C PRO A 31 -27.77 7.84 -12.57
N LEU A 36 -20.25 11.03 -6.24
CA LEU A 36 -19.18 10.11 -5.86
C LEU A 36 -17.79 10.74 -6.01
N ALA A 37 -17.07 10.83 -4.89
CA ALA A 37 -15.70 11.32 -4.89
C ALA A 37 -14.78 10.33 -5.59
N VAL A 38 -13.95 10.84 -6.49
CA VAL A 38 -13.07 10.01 -7.29
C VAL A 38 -11.66 10.59 -7.40
N ALA A 39 -10.71 9.71 -7.71
CA ALA A 39 -9.39 10.11 -8.13
C ALA A 39 -9.27 9.97 -9.65
N ILE A 40 -8.56 10.89 -10.27
CA ILE A 40 -8.40 10.88 -11.71
C ILE A 40 -6.92 10.90 -12.06
N LYS A 41 -6.39 9.73 -12.47
CA LYS A 41 -5.09 9.65 -13.11
C LYS A 41 -5.19 10.26 -14.50
N THR A 42 -4.33 11.25 -14.78
CA THR A 42 -4.24 11.80 -16.12
C THR A 42 -2.90 11.42 -16.75
N CYS A 43 -2.76 11.72 -18.04
CA CYS A 43 -1.68 11.18 -18.84
C CYS A 43 -1.18 12.25 -19.82
N LYS A 44 -0.05 12.86 -19.47
CA LYS A 44 0.45 14.02 -20.20
C LYS A 44 0.60 13.75 -21.70
N ASN A 45 1.22 12.62 -22.04
CA ASN A 45 1.70 12.41 -23.42
C ASN A 45 1.01 11.22 -24.10
N CYS A 46 -0.27 11.05 -23.79
CA CYS A 46 -1.04 9.90 -24.26
C CYS A 46 -1.52 10.10 -25.69
N THR A 47 -1.22 11.27 -26.25
CA THR A 47 -1.22 11.48 -27.72
C THR A 47 -0.48 10.38 -28.48
N SER A 48 0.57 9.84 -27.87
CA SER A 48 1.24 8.65 -28.41
C SER A 48 0.61 7.38 -27.87
N ASP A 49 0.49 6.38 -28.74
CA ASP A 49 -0.33 5.21 -28.44
C ASP A 49 0.42 4.19 -27.59
N SER A 50 1.74 4.12 -27.75
CA SER A 50 2.55 3.26 -26.89
C SER A 50 2.40 3.66 -25.45
N VAL A 51 2.48 4.97 -25.19
CA VAL A 51 2.24 5.50 -23.86
C VAL A 51 0.80 5.23 -23.43
N ARG A 52 -0.14 5.40 -24.35
CA ARG A 52 -1.56 5.29 -24.01
C ARG A 52 -1.88 3.88 -23.57
N GLU A 53 -1.30 2.90 -24.26
CA GLU A 53 -1.59 1.51 -24.00
C GLU A 53 -1.05 1.09 -22.63
N LYS A 54 0.16 1.52 -22.31
CA LYS A 54 0.74 1.27 -21.00
C LYS A 54 -0.10 1.89 -19.89
N PHE A 55 -0.50 3.14 -20.09
CA PHE A 55 -1.34 3.85 -19.13
C PHE A 55 -2.64 3.07 -18.89
N LEU A 56 -3.35 2.76 -19.96
CA LEU A 56 -4.66 2.12 -19.85
C LEU A 56 -4.56 0.67 -19.33
N GLN A 57 -3.43 0.02 -19.57
CA GLN A 57 -3.17 -1.30 -19.02
C GLN A 57 -3.24 -1.28 -17.49
N GLU A 58 -2.90 -0.14 -16.91
CA GLU A 58 -2.92 -0.01 -15.45
C GLU A 58 -4.34 -0.08 -14.90
N ALA A 59 -5.31 0.32 -15.71
CA ALA A 59 -6.73 0.19 -15.38
C ALA A 59 -7.17 -1.27 -15.37
N LEU A 60 -6.78 -2.01 -16.40
CA LEU A 60 -7.14 -3.43 -16.51
C LEU A 60 -6.59 -4.21 -15.33
N THR A 61 -5.41 -3.82 -14.86
CA THR A 61 -4.81 -4.50 -13.73
C THR A 61 -5.69 -4.34 -12.51
N MET A 62 -6.21 -3.13 -12.30
CA MET A 62 -7.02 -2.87 -11.12
C MET A 62 -8.40 -3.50 -11.25
N ARG A 63 -8.84 -3.70 -12.49
CA ARG A 63 -10.13 -4.29 -12.79
C ARG A 63 -10.22 -5.74 -12.32
N GLN A 64 -9.08 -6.41 -12.25
CA GLN A 64 -9.03 -7.82 -11.86
C GLN A 64 -9.44 -8.02 -10.40
N PHE A 65 -9.33 -6.97 -9.60
CA PHE A 65 -9.39 -7.11 -8.14
C PHE A 65 -10.66 -6.48 -7.57
N ASP A 66 -11.17 -7.09 -6.51
CA ASP A 66 -12.36 -6.60 -5.83
C ASP A 66 -12.21 -6.89 -4.34
N HIS A 67 -11.75 -5.90 -3.60
CA HIS A 67 -11.55 -6.07 -2.17
C HIS A 67 -11.75 -4.74 -1.42
N PRO A 68 -12.33 -4.79 -0.21
CA PRO A 68 -12.66 -3.56 0.47
C PRO A 68 -11.45 -2.71 0.87
N HIS A 69 -10.26 -3.29 0.78
CA HIS A 69 -9.03 -2.61 1.16
C HIS A 69 -8.03 -2.51 0.02
N ILE A 70 -8.56 -2.55 -1.19
CA ILE A 70 -7.83 -2.15 -2.37
C ILE A 70 -8.72 -1.18 -3.15
N VAL A 71 -8.13 -0.07 -3.57
CA VAL A 71 -8.86 0.92 -4.35
C VAL A 71 -9.48 0.32 -5.61
N LYS A 72 -10.70 0.76 -5.88
CA LYS A 72 -11.52 0.22 -6.94
C LYS A 72 -11.36 1.09 -8.19
N LEU A 73 -11.29 0.45 -9.35
CA LEU A 73 -11.47 1.14 -10.63
C LEU A 73 -12.94 1.48 -10.84
N ILE A 74 -13.23 2.76 -11.09
CA ILE A 74 -14.59 3.17 -11.41
C ILE A 74 -14.80 3.10 -12.93
N GLY A 75 -13.91 3.74 -13.69
CA GLY A 75 -13.88 3.57 -15.13
C GLY A 75 -12.76 4.33 -15.83
N VAL A 76 -12.88 4.44 -17.16
CA VAL A 76 -11.86 5.09 -17.98
C VAL A 76 -12.47 6.08 -18.97
N ILE A 77 -11.63 7.00 -19.44
CA ILE A 77 -11.98 7.88 -20.54
C ILE A 77 -10.85 7.80 -21.57
N THR A 78 -11.15 7.21 -22.71
CA THR A 78 -10.11 6.67 -23.59
C THR A 78 -9.81 7.54 -24.83
N GLU A 79 -10.46 8.69 -24.95
CA GLU A 79 -9.99 9.71 -25.89
C GLU A 79 -9.33 10.85 -25.15
N ASN A 80 -8.51 11.62 -25.87
CA ASN A 80 -7.62 12.59 -25.25
C ASN A 80 -8.38 13.76 -24.65
N PRO A 81 -7.92 14.29 -23.51
CA PRO A 81 -6.92 13.64 -22.66
C PRO A 81 -7.45 12.37 -22.00
N VAL A 82 -6.65 11.32 -22.03
CA VAL A 82 -7.05 10.02 -21.49
C VAL A 82 -6.90 9.99 -19.97
N TRP A 83 -7.98 9.63 -19.28
CA TRP A 83 -8.02 9.62 -17.82
C TRP A 83 -8.38 8.22 -17.37
N ILE A 84 -7.90 7.82 -16.20
CA ILE A 84 -8.47 6.66 -15.48
C ILE A 84 -9.18 7.15 -14.22
N ILE A 85 -10.41 6.70 -14.02
CA ILE A 85 -11.18 7.12 -12.86
C ILE A 85 -11.15 6.03 -11.80
N MET A 86 -10.65 6.39 -10.63
CA MET A 86 -10.47 5.48 -9.52
C MET A 86 -11.29 5.96 -8.31
N GLU A 87 -11.57 5.04 -7.39
CA GLU A 87 -12.13 5.40 -6.09
C GLU A 87 -11.20 6.35 -5.32
N LEU A 88 -11.79 7.37 -4.70
CA LEU A 88 -11.02 8.31 -3.88
C LEU A 88 -10.97 7.84 -2.43
N CYS A 89 -9.75 7.79 -1.89
CA CYS A 89 -9.56 7.64 -0.46
C CYS A 89 -9.46 9.04 0.16
N THR A 90 -10.58 9.51 0.70
CA THR A 90 -10.77 10.91 1.06
C THR A 90 -9.61 11.54 1.84
N LEU A 91 -9.06 10.77 2.80
CA LEU A 91 -8.17 11.31 3.81
C LEU A 91 -6.70 11.28 3.36
N GLY A 92 -6.45 10.71 2.20
CA GLY A 92 -5.15 10.86 1.54
C GLY A 92 -4.13 9.81 1.92
N GLU A 93 -2.87 10.24 1.93
CA GLU A 93 -1.74 9.32 2.13
C GLU A 93 -1.59 8.92 3.58
N LEU A 94 -1.26 7.65 3.80
CA LEU A 94 -1.15 7.10 5.14
C LEU A 94 -0.02 7.74 5.93
N ARG A 95 1.15 7.86 5.32
CA ARG A 95 2.34 8.35 6.03
C ARG A 95 2.08 9.73 6.63
N SER A 96 1.52 10.62 5.82
CA SER A 96 1.17 11.96 6.27
C SER A 96 0.09 11.90 7.35
N PHE A 97 -0.95 11.12 7.08
CA PHE A 97 -2.01 10.88 8.05
C PHE A 97 -1.43 10.48 9.39
N LEU A 98 -0.45 9.59 9.37
CA LEU A 98 0.07 9.01 10.60
C LEU A 98 0.97 10.02 11.31
N GLN A 99 1.71 10.82 10.53
CA GLN A 99 2.61 11.82 11.10
C GLN A 99 1.81 12.93 11.78
N VAL A 100 0.81 13.45 11.08
CA VAL A 100 -0.05 14.50 11.60
C VAL A 100 -0.84 14.04 12.83
N ARG A 101 -1.20 12.76 12.86
CA ARG A 101 -1.96 12.21 13.99
C ARG A 101 -1.10 11.35 14.90
N LYS A 102 0.19 11.63 14.95
CA LYS A 102 1.13 10.83 15.73
C LYS A 102 0.73 10.69 17.19
N TYR A 103 0.17 11.74 17.76
CA TYR A 103 -0.10 11.78 19.19
C TYR A 103 -1.61 11.76 19.50
N SER A 104 -2.42 11.47 18.49
CA SER A 104 -3.88 11.47 18.66
C SER A 104 -4.52 10.20 18.11
N LEU A 105 -3.72 9.30 17.56
CA LEU A 105 -4.24 8.06 17.02
C LEU A 105 -3.91 6.96 17.99
N ASP A 106 -4.94 6.25 18.44
CA ASP A 106 -4.74 5.15 19.36
C ASP A 106 -4.03 3.96 18.69
N LEU A 107 -3.39 3.16 19.52
CA LEU A 107 -2.66 1.97 19.08
C LEU A 107 -3.57 0.94 18.40
N ALA A 108 -4.79 0.81 18.92
CA ALA A 108 -5.75 -0.14 18.34
C ALA A 108 -6.00 0.22 16.87
N SER A 109 -5.97 1.51 16.57
CA SER A 109 -6.18 1.98 15.21
C SER A 109 -5.01 1.61 14.32
N LEU A 110 -3.79 1.83 14.80
CA LEU A 110 -2.59 1.45 14.05
C LEU A 110 -2.62 -0.06 13.73
N ILE A 111 -2.99 -0.86 14.72
CA ILE A 111 -3.07 -2.31 14.52
C ILE A 111 -4.18 -2.69 13.53
N LEU A 112 -5.32 -2.00 13.64
CA LEU A 112 -6.40 -2.14 12.66
C LEU A 112 -5.90 -1.98 11.23
N TYR A 113 -5.12 -0.93 10.98
CA TYR A 113 -4.65 -0.66 9.61
C TYR A 113 -3.78 -1.81 9.13
N ALA A 114 -2.94 -2.31 10.03
CA ALA A 114 -2.11 -3.47 9.74
C ALA A 114 -2.97 -4.65 9.35
N TYR A 115 -3.99 -4.94 10.16
CA TYR A 115 -4.90 -6.05 9.91
C TYR A 115 -5.56 -5.92 8.54
N GLN A 116 -6.08 -4.73 8.25
CA GLN A 116 -6.88 -4.50 7.03
C GLN A 116 -6.01 -4.74 5.79
N LEU A 117 -4.80 -4.18 5.82
CA LEU A 117 -3.81 -4.44 4.79
C LEU A 117 -3.50 -5.91 4.64
N SER A 118 -3.45 -6.65 5.74
CA SER A 118 -3.18 -8.07 5.69
C SER A 118 -4.33 -8.88 5.07
N THR A 119 -5.55 -8.41 5.22
CA THR A 119 -6.67 -9.06 4.53
C THR A 119 -6.57 -8.88 3.01
N ALA A 120 -6.10 -7.71 2.57
CA ALA A 120 -5.99 -7.41 1.14
C ALA A 120 -4.83 -8.20 0.56
N LEU A 121 -3.77 -8.31 1.33
CA LEU A 121 -2.58 -9.00 0.88
C LEU A 121 -2.82 -10.51 0.86
N ALA A 122 -3.57 -11.01 1.84
CA ALA A 122 -3.95 -12.41 1.85
C ALA A 122 -4.87 -12.68 0.65
N TYR A 123 -5.72 -11.71 0.33
CA TYR A 123 -6.58 -11.80 -0.84
C TYR A 123 -5.77 -11.83 -2.14
N LEU A 124 -4.79 -10.94 -2.27
CA LEU A 124 -3.94 -10.95 -3.45
C LEU A 124 -3.15 -12.26 -3.60
N GLU A 125 -2.64 -12.80 -2.50
CA GLU A 125 -1.94 -14.09 -2.59
C GLU A 125 -2.87 -15.17 -3.14
N SER A 126 -4.13 -15.15 -2.71
CA SER A 126 -5.10 -16.14 -3.16
C SER A 126 -5.48 -15.95 -4.64
N LYS A 127 -5.23 -14.76 -5.17
CA LYS A 127 -5.32 -14.47 -6.60
C LYS A 127 -4.00 -14.79 -7.32
N ARG A 128 -3.00 -15.26 -6.58
CA ARG A 128 -1.70 -15.54 -7.15
C ARG A 128 -1.09 -14.28 -7.76
N PHE A 129 -1.19 -13.16 -7.05
CA PHE A 129 -0.65 -11.91 -7.52
C PHE A 129 0.42 -11.42 -6.57
N VAL A 130 1.63 -11.29 -7.08
CA VAL A 130 2.75 -10.78 -6.31
C VAL A 130 2.92 -9.28 -6.56
N HIS A 131 2.92 -8.52 -5.47
CA HIS A 131 2.75 -7.06 -5.53
C HIS A 131 4.07 -6.33 -5.78
N ARG A 132 5.07 -6.55 -4.91
CA ARG A 132 6.44 -6.07 -5.13
C ARG A 132 6.70 -4.69 -4.55
N ASP A 133 5.65 -4.01 -4.13
CA ASP A 133 5.77 -2.59 -3.82
C ASP A 133 5.00 -2.23 -2.55
N ILE A 134 5.09 -3.10 -1.57
CA ILE A 134 4.33 -2.95 -0.34
C ILE A 134 5.11 -2.02 0.59
N ALA A 135 4.58 -0.82 0.72
CA ALA A 135 5.19 0.23 1.55
C ALA A 135 4.08 1.17 1.99
N ALA A 136 4.31 1.85 3.12
CA ALA A 136 3.32 2.80 3.61
C ALA A 136 3.01 3.93 2.61
N ARG A 137 3.96 4.24 1.71
CA ARG A 137 3.74 5.29 0.73
C ARG A 137 2.61 4.91 -0.23
N ASN A 138 2.32 3.63 -0.30
CA ASN A 138 1.36 3.11 -1.27
C ASN A 138 0.08 2.68 -0.58
N VAL A 139 -0.11 3.18 0.63
CA VAL A 139 -1.36 3.00 1.37
C VAL A 139 -2.06 4.34 1.53
N LEU A 140 -3.38 4.29 1.49
CA LEU A 140 -4.21 5.48 1.52
C LEU A 140 -5.33 5.31 2.56
N VAL A 141 -5.89 6.42 3.00
CA VAL A 141 -6.85 6.41 4.10
C VAL A 141 -8.22 6.88 3.59
N SER A 142 -9.19 5.97 3.61
CA SER A 142 -10.56 6.29 3.21
C SER A 142 -11.28 7.02 4.33
N SER A 143 -11.11 6.50 5.56
CA SER A 143 -11.54 7.19 6.76
C SER A 143 -10.58 6.79 7.89
N ASN A 144 -10.83 7.25 9.11
CA ASN A 144 -9.89 6.91 10.18
C ASN A 144 -10.06 5.50 10.74
N ASP A 145 -11.02 4.75 10.21
CA ASP A 145 -11.10 3.32 10.50
C ASP A 145 -10.98 2.42 9.26
N CYS A 146 -10.27 2.92 8.24
CA CYS A 146 -10.15 2.18 6.98
C CYS A 146 -8.97 2.67 6.15
N VAL A 147 -8.00 1.78 5.93
CA VAL A 147 -6.94 2.02 4.97
C VAL A 147 -7.10 1.08 3.79
N LYS A 148 -6.51 1.47 2.66
CA LYS A 148 -6.56 0.66 1.45
C LYS A 148 -5.23 0.72 0.72
N LEU A 149 -4.85 -0.39 0.09
CA LEU A 149 -3.80 -0.38 -0.92
C LEU A 149 -4.13 0.59 -2.03
N GLY A 150 -3.13 1.38 -2.44
CA GLY A 150 -3.31 2.35 -3.50
C GLY A 150 -3.27 1.71 -4.88
N ASP A 151 -3.43 2.53 -5.90
CA ASP A 151 -3.34 2.10 -7.28
C ASP A 151 -1.99 1.44 -7.55
N PHE A 152 -2.04 0.31 -8.26
CA PHE A 152 -0.85 -0.51 -8.44
C PHE A 152 0.12 0.13 -9.43
N GLY A 153 -0.41 0.76 -10.48
CA GLY A 153 0.42 1.52 -11.40
C GLY A 153 1.14 2.68 -10.71
N LEU A 154 0.40 3.45 -9.92
CA LEU A 154 0.98 4.54 -9.14
C LEU A 154 1.96 4.04 -8.07
N SER A 155 1.83 2.78 -7.67
CA SER A 155 2.68 2.21 -6.63
C SER A 155 4.07 1.84 -7.14
N ARG A 156 4.18 1.63 -8.45
CA ARG A 156 5.44 1.18 -9.05
C ARG A 156 6.57 2.13 -8.71
N TYR A 157 7.64 1.59 -8.14
CA TYR A 157 8.82 2.37 -7.82
C TYR A 157 9.64 2.65 -9.08
N LEU A 171 14.95 0.85 -7.41
CA LEU A 171 14.66 -0.25 -6.49
C LEU A 171 14.58 0.23 -5.05
N PRO A 172 13.47 -0.08 -4.36
CA PRO A 172 13.29 0.27 -2.96
C PRO A 172 14.00 -0.74 -2.06
N ILE A 173 15.32 -0.65 -2.05
CA ILE A 173 16.17 -1.64 -1.40
C ILE A 173 15.77 -1.81 0.05
N LYS A 174 15.48 -0.70 0.72
CA LYS A 174 15.26 -0.72 2.16
C LYS A 174 13.95 -1.43 2.55
N TRP A 175 13.09 -1.70 1.56
CA TRP A 175 11.84 -2.44 1.78
C TRP A 175 11.94 -3.91 1.36
N MET A 176 12.90 -4.23 0.51
CA MET A 176 12.87 -5.49 -0.25
C MET A 176 13.49 -6.65 0.52
N ALA A 177 13.01 -7.84 0.22
CA ALA A 177 13.56 -9.07 0.79
C ALA A 177 14.95 -9.34 0.21
N PRO A 178 15.83 -9.94 1.02
CA PRO A 178 17.19 -10.26 0.59
C PRO A 178 17.26 -10.99 -0.75
N GLU A 179 16.36 -11.93 -0.98
CA GLU A 179 16.37 -12.74 -2.19
C GLU A 179 15.90 -11.93 -3.37
N SER A 180 15.11 -10.90 -3.10
CA SER A 180 14.70 -9.95 -4.11
C SER A 180 15.89 -9.07 -4.51
N ILE A 181 16.67 -8.65 -3.52
CA ILE A 181 17.86 -7.83 -3.76
C ILE A 181 18.95 -8.62 -4.48
N ASN A 182 19.27 -9.82 -3.98
CA ASN A 182 20.38 -10.62 -4.50
C ASN A 182 20.09 -11.29 -5.84
N PHE A 183 18.87 -11.80 -6.01
CA PHE A 183 18.60 -12.69 -7.13
C PHE A 183 17.32 -12.32 -7.86
N ARG A 184 16.75 -11.16 -7.52
CA ARG A 184 15.50 -10.71 -8.11
C ARG A 184 14.40 -11.76 -8.02
N ARG A 185 14.35 -12.46 -6.89
CA ARG A 185 13.28 -13.39 -6.59
C ARG A 185 12.09 -12.61 -6.02
N PHE A 186 10.95 -12.71 -6.67
CA PHE A 186 9.73 -12.06 -6.20
C PHE A 186 8.61 -13.07 -6.05
N THR A 187 8.22 -13.31 -4.80
CA THR A 187 7.19 -14.27 -4.46
C THR A 187 6.29 -13.64 -3.42
N SER A 188 5.18 -14.27 -3.07
CA SER A 188 4.35 -13.78 -1.99
C SER A 188 5.15 -13.69 -0.67
N ALA A 189 6.17 -14.54 -0.55
CA ALA A 189 7.01 -14.56 0.64
C ALA A 189 7.93 -13.34 0.71
N SER A 190 8.36 -12.84 -0.44
CA SER A 190 9.10 -11.57 -0.44
C SER A 190 8.14 -10.40 -0.19
N ASP A 191 6.88 -10.54 -0.63
CA ASP A 191 5.84 -9.58 -0.27
C ASP A 191 5.64 -9.50 1.25
N VAL A 192 5.72 -10.65 1.92
CA VAL A 192 5.59 -10.71 3.37
C VAL A 192 6.69 -9.91 4.06
N TRP A 193 7.93 -10.11 3.63
CA TRP A 193 9.04 -9.29 4.14
C TRP A 193 8.69 -7.81 4.08
N MET A 194 8.27 -7.36 2.91
CA MET A 194 7.90 -5.96 2.70
C MET A 194 6.78 -5.50 3.64
N PHE A 195 5.76 -6.34 3.81
CA PHE A 195 4.63 -6.00 4.67
C PHE A 195 5.11 -5.81 6.10
N GLY A 196 6.09 -6.60 6.50
CA GLY A 196 6.73 -6.41 7.81
C GLY A 196 7.33 -5.04 7.95
N VAL A 197 7.94 -4.54 6.89
CA VAL A 197 8.52 -3.21 6.90
C VAL A 197 7.40 -2.17 6.91
N CYS A 198 6.35 -2.45 6.14
CA CYS A 198 5.17 -1.61 6.15
C CYS A 198 4.51 -1.51 7.54
N MET A 199 4.44 -2.63 8.25
CA MET A 199 3.90 -2.63 9.62
C MET A 199 4.78 -1.82 10.57
N TRP A 200 6.09 -1.96 10.43
CA TRP A 200 7.03 -1.16 11.21
C TRP A 200 6.80 0.32 10.97
N GLU A 201 6.59 0.69 9.71
CA GLU A 201 6.34 2.10 9.35
C GLU A 201 5.09 2.68 10.02
N ILE A 202 4.02 1.91 10.05
CA ILE A 202 2.76 2.35 10.66
C ILE A 202 2.91 2.55 12.16
N LEU A 203 3.60 1.62 12.81
CA LEU A 203 3.80 1.69 14.25
C LEU A 203 4.84 2.75 14.58
N MET A 204 5.65 3.10 13.60
CA MET A 204 6.57 4.24 13.72
C MET A 204 5.94 5.57 13.31
N HIS A 205 4.63 5.57 13.02
CA HIS A 205 3.91 6.80 12.70
C HIS A 205 4.43 7.46 11.42
N GLY A 206 4.81 6.66 10.44
CA GLY A 206 5.10 7.18 9.11
C GLY A 206 6.54 7.63 8.93
N VAL A 207 7.44 7.05 9.71
CA VAL A 207 8.88 7.19 9.50
C VAL A 207 9.37 6.11 8.52
N LYS A 208 10.23 6.52 7.60
CA LYS A 208 10.83 5.59 6.65
C LYS A 208 11.85 4.72 7.37
N PRO A 209 12.02 3.49 6.89
CA PRO A 209 13.02 2.58 7.43
C PRO A 209 14.43 2.95 6.99
N PHE A 210 15.40 2.74 7.88
CA PHE A 210 16.82 2.88 7.54
C PHE A 210 17.16 4.28 7.04
N GLN A 211 16.63 5.30 7.70
CA GLN A 211 16.99 6.67 7.35
C GLN A 211 18.40 6.96 7.85
N GLY A 212 19.20 7.61 7.01
CA GLY A 212 20.61 7.85 7.30
C GLY A 212 21.49 6.64 7.01
N VAL A 213 20.92 5.61 6.40
CA VAL A 213 21.67 4.42 6.04
C VAL A 213 21.74 4.28 4.52
N LYS A 214 22.95 4.05 4.00
CA LYS A 214 23.16 3.86 2.58
C LYS A 214 22.58 2.52 2.15
N ASN A 215 21.87 2.52 1.03
CA ASN A 215 21.18 1.31 0.55
C ASN A 215 22.08 0.08 0.60
N ASN A 216 23.38 0.30 0.39
CA ASN A 216 24.35 -0.79 0.29
C ASN A 216 24.65 -1.42 1.63
N ASP A 217 24.57 -0.63 2.70
CA ASP A 217 24.84 -1.13 4.03
C ASP A 217 23.60 -1.82 4.60
N VAL A 218 22.46 -1.64 3.93
CA VAL A 218 21.22 -2.22 4.39
C VAL A 218 21.32 -3.73 4.26
N ILE A 219 21.83 -4.17 3.11
CA ILE A 219 22.00 -5.59 2.84
C ILE A 219 22.95 -6.27 3.82
N GLY A 220 24.10 -5.67 4.07
CA GLY A 220 25.10 -6.23 4.98
C GLY A 220 24.60 -6.34 6.41
N ARG A 221 23.89 -5.31 6.85
CA ARG A 221 23.29 -5.31 8.18
C ARG A 221 22.30 -6.46 8.36
N ILE A 222 21.42 -6.65 7.39
CA ILE A 222 20.45 -7.73 7.41
C ILE A 222 21.14 -9.10 7.49
N GLU A 223 22.19 -9.26 6.67
CA GLU A 223 23.02 -10.47 6.69
C GLU A 223 23.73 -10.67 8.03
N ASN A 224 23.98 -9.57 8.72
CA ASN A 224 24.64 -9.61 10.02
C ASN A 224 23.67 -9.91 11.15
N GLY A 225 22.38 -10.03 10.81
CA GLY A 225 21.35 -10.44 11.77
C GLY A 225 20.54 -9.28 12.29
N GLU A 226 20.94 -8.06 11.93
CA GLU A 226 20.26 -6.87 12.42
C GLU A 226 18.90 -6.69 11.76
N ARG A 227 17.92 -6.24 12.53
CA ARG A 227 16.62 -5.90 12.01
C ARG A 227 16.18 -4.51 12.51
N LEU A 228 15.16 -3.97 11.87
CA LEU A 228 14.54 -2.74 12.33
C LEU A 228 14.09 -2.90 13.78
N PRO A 229 14.33 -1.88 14.62
CA PRO A 229 14.06 -1.98 16.05
C PRO A 229 12.59 -1.86 16.41
N MET A 230 12.22 -2.33 17.60
CA MET A 230 10.85 -2.23 18.06
C MET A 230 10.47 -0.76 18.13
N PRO A 231 9.44 -0.34 17.36
CA PRO A 231 8.93 1.02 17.51
C PRO A 231 8.48 1.29 18.96
N PRO A 232 8.73 2.50 19.47
CA PRO A 232 8.21 2.93 20.76
C PRO A 232 6.74 2.62 20.94
N ASN A 233 6.42 1.91 22.02
CA ASN A 233 5.04 1.67 22.41
C ASN A 233 4.38 0.57 21.57
N CYS A 234 5.15 -0.03 20.67
CA CYS A 234 4.68 -1.20 19.95
C CYS A 234 4.58 -2.39 20.90
N PRO A 235 3.41 -3.04 20.93
CA PRO A 235 3.31 -4.32 21.63
C PRO A 235 4.41 -5.29 21.18
N PRO A 236 5.10 -5.91 22.14
CA PRO A 236 6.11 -6.89 21.82
C PRO A 236 5.59 -8.04 20.96
N THR A 237 4.33 -8.42 21.17
CA THR A 237 3.70 -9.45 20.33
C THR A 237 3.64 -9.02 18.87
N LEU A 238 3.35 -7.73 18.64
CA LEU A 238 3.28 -7.21 17.29
C LEU A 238 4.67 -7.13 16.67
N TYR A 239 5.64 -6.68 17.45
CA TYR A 239 7.02 -6.61 16.97
C TYR A 239 7.56 -7.98 16.64
N SER A 240 7.31 -8.95 17.52
CA SER A 240 7.68 -10.33 17.26
C SER A 240 7.15 -10.76 15.90
N LEU A 241 5.90 -10.41 15.61
CA LEU A 241 5.26 -10.80 14.37
C LEU A 241 5.94 -10.16 13.17
N MET A 242 6.34 -8.91 13.31
CA MET A 242 7.20 -8.26 12.33
C MET A 242 8.47 -9.09 12.08
N THR A 243 9.15 -9.51 13.14
CA THR A 243 10.48 -10.11 12.98
C THR A 243 10.38 -11.46 12.29
N LYS A 244 9.20 -12.05 12.32
CA LYS A 244 8.98 -13.31 11.64
C LYS A 244 8.81 -13.09 10.16
N CYS A 245 8.26 -11.94 9.79
CA CYS A 245 8.25 -11.55 8.38
C CYS A 245 9.67 -11.38 7.85
N TRP A 246 10.61 -11.16 8.76
CA TRP A 246 12.00 -10.84 8.39
C TRP A 246 12.94 -12.03 8.58
N ALA A 247 12.41 -13.25 8.54
CA ALA A 247 13.25 -14.44 8.49
C ALA A 247 14.02 -14.44 7.17
N TYR A 248 15.33 -14.66 7.22
CA TYR A 248 16.15 -14.61 6.02
C TYR A 248 15.71 -15.65 4.99
N ASP A 249 15.37 -16.84 5.48
CA ASP A 249 14.87 -17.91 4.63
C ASP A 249 13.36 -17.72 4.37
N PRO A 250 12.99 -17.40 3.12
CA PRO A 250 11.61 -17.08 2.76
C PRO A 250 10.59 -18.17 3.13
N SER A 251 11.02 -19.43 3.06
CA SER A 251 10.17 -20.56 3.48
C SER A 251 9.74 -20.45 4.94
N ARG A 252 10.51 -19.73 5.75
CA ARG A 252 10.26 -19.68 7.18
C ARG A 252 9.43 -18.48 7.62
N ARG A 253 9.01 -17.65 6.66
CA ARG A 253 8.08 -16.56 6.96
C ARG A 253 6.64 -17.05 6.99
N PRO A 254 5.78 -16.39 7.77
CA PRO A 254 4.37 -16.75 7.74
C PRO A 254 3.72 -16.42 6.41
N ARG A 255 2.64 -17.12 6.10
CA ARG A 255 1.76 -16.72 5.02
C ARG A 255 0.88 -15.56 5.44
N PHE A 256 0.46 -14.75 4.47
CA PHE A 256 -0.39 -13.60 4.75
C PHE A 256 -1.63 -13.98 5.53
N THR A 257 -2.17 -15.17 5.26
CA THR A 257 -3.35 -15.63 5.98
C THR A 257 -3.04 -15.84 7.47
N GLU A 258 -1.81 -16.26 7.77
CA GLU A 258 -1.39 -16.45 9.16
C GLU A 258 -1.19 -15.11 9.88
N LEU A 259 -0.64 -14.12 9.18
CA LEU A 259 -0.50 -12.77 9.72
C LEU A 259 -1.87 -12.17 10.02
N LYS A 260 -2.82 -12.42 9.13
CA LYS A 260 -4.21 -11.99 9.31
C LYS A 260 -4.78 -12.49 10.64
N ALA A 261 -4.68 -13.79 10.87
CA ALA A 261 -5.19 -14.39 12.10
C ALA A 261 -4.48 -13.79 13.32
N GLN A 262 -3.16 -13.73 13.24
CA GLN A 262 -2.36 -13.23 14.35
C GLN A 262 -2.59 -11.75 14.59
N LEU A 263 -2.84 -11.01 13.52
CA LEU A 263 -3.12 -9.59 13.66
C LEU A 263 -4.51 -9.36 14.26
N SER A 264 -5.46 -10.23 13.94
CA SER A 264 -6.78 -10.15 14.59
C SER A 264 -6.70 -10.31 16.10
N THR A 265 -5.91 -11.28 16.58
CA THR A 265 -5.82 -11.53 18.01
C THR A 265 -5.18 -10.35 18.73
N ILE A 266 -4.19 -9.75 18.08
CA ILE A 266 -3.47 -8.61 18.62
C ILE A 266 -4.36 -7.37 18.64
N LEU A 267 -5.12 -7.19 17.58
CA LEU A 267 -6.14 -6.15 17.51
C LEU A 267 -7.16 -6.29 18.64
N GLU A 268 -7.73 -7.48 18.81
CA GLU A 268 -8.74 -7.70 19.84
C GLU A 268 -8.18 -7.50 21.25
N GLU A 269 -6.94 -7.92 21.47
CA GLU A 269 -6.27 -7.73 22.76
C GLU A 269 -6.13 -6.24 23.08
N GLU A 270 -5.71 -5.46 22.08
CA GLU A 270 -5.53 -4.02 22.28
C GLU A 270 -6.85 -3.29 22.49
N LYS A 271 -7.87 -3.65 21.71
CA LYS A 271 -9.21 -3.14 21.93
C LYS A 271 -9.72 -3.42 23.34
N ALA A 272 -9.42 -4.60 23.88
CA ALA A 272 -9.81 -4.94 25.25
C ALA A 272 -9.05 -4.11 26.29
N GLN A 273 -7.75 -3.90 26.03
CA GLN A 273 -6.94 -2.98 26.83
C GLN A 273 -7.47 -1.54 26.79
N GLN A 274 -7.90 -1.11 25.62
CA GLN A 274 -8.44 0.24 25.46
C GLN A 274 -9.90 0.28 25.93
N GLU A 275 -10.37 -0.82 26.51
CA GLU A 275 -11.74 -0.94 27.02
C GLU A 275 -12.79 -0.70 25.95
N GLU A 276 -12.70 -1.46 24.85
CA GLU A 276 -13.66 -1.36 23.76
C GLU A 276 -13.52 -2.55 22.82
C35 YAM B . 0.16 7.44 -2.86
C34 YAM B . 0.54 4.79 -5.17
N2 YAM B . -7.31 8.14 -3.58
C7 YAM B . -7.11 7.30 -4.57
C6 YAM B . -5.89 7.24 -5.22
C13 YAM B . -1.32 8.97 -5.45
C20 YAM B . -0.30 8.06 -5.20
C21 YAM B . -4.54 13.28 -1.20
C8 YAM B . -5.73 6.23 -6.33
C18 YAM B . 0.01 9.90 -7.20
C16 YAM B . -4.53 11.01 -1.98
C19 YAM B . 0.99 8.97 -6.90
O33 YAM B . -1.94 5.76 -5.46
S31 YAM B . -0.94 5.58 -4.48
O32 YAM B . -1.22 5.10 -3.18
N30 YAM B . -0.40 7.12 -4.17
C17 YAM B . -1.16 9.91 -6.45
N1 YAM B . 0.82 8.10 -5.94
C12 YAM B . -2.59 8.97 -4.63
N10 YAM B . -3.61 8.15 -5.29
C5 YAM B . -4.89 8.12 -4.77
F29 YAM B . -4.66 5.36 -6.08
F28 YAM B . -5.53 6.84 -7.57
F27 YAM B . -6.90 5.48 -6.45
N4 YAM B . -5.17 8.96 -3.77
C3 YAM B . -6.36 8.95 -3.17
N9 YAM B . -6.69 9.83 -2.16
C11 YAM B . -5.93 10.95 -1.83
C14 YAM B . -6.61 12.07 -1.36
C22 YAM B . -5.91 13.21 -1.04
C23 YAM B . -6.36 14.56 -0.51
C15 YAM B . -3.84 12.16 -1.66
N25 YAM B . -4.08 14.55 -0.85
C24 YAM B . -5.07 15.35 -0.42
O26 YAM B . -4.96 16.50 -0.04
#